data_6H5D
#
_entry.id   6H5D
#
_cell.length_a   60.219
_cell.length_b   44.057
_cell.length_c   84.600
_cell.angle_alpha   90.00
_cell.angle_beta   95.25
_cell.angle_gamma   90.00
#
_symmetry.space_group_name_H-M   'P 1 21 1'
#
loop_
_entity.id
_entity.type
_entity.pdbx_description
1 polymer '3-dehydroquinate dehydratase'
2 non-polymer '(1~{S},3~{S},4~{R},5~{R})-3-methyl-1,4,5-tris(hydroxyl)cyclohexane-1-carboxylic acid'
3 water water
#
_entity_poly.entity_id   1
_entity_poly.type   'polypeptide(L)'
_entity_poly.pdbx_seq_one_letter_code
;MKTVTVKNLIIGEGMPKIIVSLMGRDINSVKAEALAYREATFDILEWRVDHFMDIASTQSVLTAARVIRDAMPDIPLLFT
FRSAKEGGEQTITTQHYLTLNRAAIDSGLVDMIDLELFTGDADVKATVDYAHAHNVYVVMSNHDFHQTPSAEEMVLRLRK
MQALGADIPKIAVMPQSKHDVLTLLTATLEMQQHYADRPVITMSMAKEGVISRLAGEVFGSAATFGAVKQASAPGQIAVN
DLRSVLMILHNA
;
_entity_poly.pdbx_strand_id   A,B
#
loop_
_chem_comp.id
_chem_comp.type
_chem_comp.name
_chem_comp.formula
WPL non-polymer '(1~{S},3~{S},4~{R},5~{R})-3-methyl-1,4,5-tris(hydroxyl)cyclohexane-1-carboxylic acid' 'C8 H14 O5'
#
# COMPACT_ATOMS: atom_id res chain seq x y z
N MET A 1 17.07 7.57 -14.69
CA MET A 1 15.70 7.72 -15.23
C MET A 1 15.66 8.86 -16.25
N LYS A 2 15.16 8.55 -17.43
CA LYS A 2 14.73 9.54 -18.40
C LYS A 2 13.21 9.45 -18.49
N THR A 3 12.55 10.54 -18.13
CA THR A 3 11.10 10.63 -18.04
C THR A 3 10.48 10.68 -19.43
N VAL A 4 9.15 10.54 -19.47
CA VAL A 4 8.38 10.71 -20.69
C VAL A 4 7.39 11.81 -20.43
N THR A 5 7.49 12.90 -21.19
CA THR A 5 6.65 14.07 -21.02
C THR A 5 5.66 14.16 -22.17
N VAL A 6 4.37 14.14 -21.84
CA VAL A 6 3.31 14.27 -22.85
C VAL A 6 2.35 15.38 -22.43
N LYS A 7 2.17 16.40 -23.25
CA LYS A 7 1.21 17.46 -22.95
C LYS A 7 1.35 17.97 -21.49
N ASN A 8 2.60 18.24 -21.12
CA ASN A 8 2.98 18.80 -19.80
C ASN A 8 2.91 17.83 -18.60
N LEU A 9 2.56 16.59 -18.86
CA LEU A 9 2.54 15.55 -17.87
C LEU A 9 3.87 14.82 -17.86
N ILE A 10 4.56 14.79 -16.72
CA ILE A 10 5.85 14.12 -16.61
C ILE A 10 5.65 12.73 -16.03
N ILE A 11 5.75 11.72 -16.87
CA ILE A 11 5.61 10.33 -16.43
C ILE A 11 7.00 9.84 -16.00
N GLY A 12 7.09 9.32 -14.77
CA GLY A 12 8.32 8.77 -14.19
C GLY A 12 8.95 9.63 -13.11
N GLU A 13 8.26 10.68 -12.69
CA GLU A 13 8.65 11.37 -11.48
C GLU A 13 7.45 11.81 -10.70
N GLY A 14 7.68 12.09 -9.43
CA GLY A 14 6.60 12.48 -8.55
C GLY A 14 5.60 11.37 -8.34
N MET A 15 4.35 11.77 -8.18
CA MET A 15 3.27 10.83 -7.90
C MET A 15 2.94 10.03 -9.15
N PRO A 16 2.64 8.73 -9.01
CA PRO A 16 2.23 7.96 -10.17
C PRO A 16 1.05 8.61 -10.88
N LYS A 17 1.08 8.54 -12.20
CA LYS A 17 0.04 9.15 -13.02
C LYS A 17 -1.17 8.24 -13.17
N ILE A 18 -2.34 8.86 -13.14
CA ILE A 18 -3.62 8.15 -13.20
C ILE A 18 -4.11 8.01 -14.64
N ILE A 19 -4.32 6.76 -15.04
CA ILE A 19 -4.85 6.43 -16.36
C ILE A 19 -6.27 5.91 -16.16
N VAL A 20 -7.20 6.37 -16.98
CA VAL A 20 -8.53 5.77 -17.06
C VAL A 20 -8.78 5.30 -18.50
N SER A 21 -9.55 4.23 -18.65
CA SER A 21 -9.87 3.62 -19.96
C SER A 21 -11.26 4.03 -20.37
N LEU A 22 -11.40 4.47 -21.62
CA LEU A 22 -12.68 4.77 -22.23
C LEU A 22 -13.04 3.56 -23.10
N MET A 23 -14.26 3.07 -22.88
CA MET A 23 -14.74 1.85 -23.49
C MET A 23 -16.11 2.21 -24.09
N GLY A 24 -16.24 2.14 -25.37
CA GLY A 24 -17.56 2.36 -26.05
C GLY A 24 -17.62 1.54 -27.31
N ARG A 25 -18.81 1.18 -27.73
CA ARG A 25 -18.96 0.31 -28.90
C ARG A 25 -18.92 1.11 -30.21
N ASP A 26 -19.30 2.37 -30.18
CA ASP A 26 -19.57 3.14 -31.40
C ASP A 26 -19.33 4.62 -31.13
N ILE A 27 -19.54 5.47 -32.13
CA ILE A 27 -19.26 6.88 -31.98
C ILE A 27 -20.12 7.49 -30.88
N ASN A 28 -21.42 7.24 -30.88
CA ASN A 28 -22.29 7.85 -29.86
C ASN A 28 -21.91 7.41 -28.44
N SER A 29 -21.53 6.15 -28.25
CA SER A 29 -21.15 5.68 -26.92
CA SER A 29 -21.17 5.71 -26.92
C SER A 29 -19.80 6.26 -26.51
N VAL A 30 -18.87 6.38 -27.45
CA VAL A 30 -17.57 6.98 -27.15
C VAL A 30 -17.80 8.45 -26.76
N LYS A 31 -18.67 9.14 -27.48
CA LYS A 31 -18.96 10.53 -27.13
C LYS A 31 -19.56 10.66 -25.76
N ALA A 32 -20.49 9.79 -25.43
CA ALA A 32 -21.15 9.86 -24.13
C ALA A 32 -20.16 9.57 -23.02
N GLU A 33 -19.25 8.60 -23.22
CA GLU A 33 -18.24 8.32 -22.22
C GLU A 33 -17.28 9.51 -22.05
N ALA A 34 -16.84 10.07 -23.17
CA ALA A 34 -15.91 11.22 -23.12
C ALA A 34 -16.53 12.38 -22.34
N LEU A 35 -17.80 12.61 -22.60
CA LEU A 35 -18.56 13.66 -21.89
C LEU A 35 -18.66 13.38 -20.41
N ALA A 36 -19.04 12.16 -20.05
CA ALA A 36 -19.14 11.76 -18.63
C ALA A 36 -17.78 11.88 -17.92
N TYR A 37 -16.70 11.59 -18.64
CA TYR A 37 -15.38 11.62 -18.06
C TYR A 37 -14.90 13.04 -17.77
N ARG A 38 -15.55 14.06 -18.33
CA ARG A 38 -15.27 15.46 -18.00
C ARG A 38 -15.39 15.78 -16.50
N GLU A 39 -16.28 15.10 -15.81
CA GLU A 39 -16.46 15.26 -14.37
C GLU A 39 -15.37 14.60 -13.50
N ALA A 40 -14.52 13.75 -14.10
CA ALA A 40 -13.52 12.98 -13.38
C ALA A 40 -12.17 13.66 -13.49
N THR A 41 -11.27 13.31 -12.57
CA THR A 41 -9.93 13.87 -12.54
C THR A 41 -8.92 12.76 -12.75
N PHE A 42 -8.15 12.87 -13.82
CA PHE A 42 -7.17 11.85 -14.19
C PHE A 42 -6.10 12.48 -15.09
N ASP A 43 -5.01 11.73 -15.34
CA ASP A 43 -3.86 12.28 -16.06
C ASP A 43 -3.78 11.85 -17.53
N ILE A 44 -4.19 10.62 -17.84
CA ILE A 44 -4.04 10.06 -19.19
C ILE A 44 -5.34 9.32 -19.51
N LEU A 45 -5.83 9.49 -20.77
CA LEU A 45 -6.99 8.77 -21.29
CA LEU A 45 -6.99 8.77 -21.28
C LEU A 45 -6.49 7.64 -22.18
N GLU A 46 -6.81 6.41 -21.82
CA GLU A 46 -6.57 5.24 -22.67
C GLU A 46 -7.87 4.93 -23.42
N TRP A 47 -7.79 4.86 -24.74
CA TRP A 47 -8.93 4.38 -25.51
C TRP A 47 -8.74 2.88 -25.71
N ARG A 48 -9.65 2.08 -25.13
CA ARG A 48 -9.60 0.66 -25.32
C ARG A 48 -10.37 0.29 -26.61
N VAL A 49 -9.59 0.25 -27.67
CA VAL A 49 -10.11 0.01 -29.02
C VAL A 49 -10.76 -1.36 -29.18
N ASP A 50 -10.28 -2.35 -28.43
CA ASP A 50 -10.86 -3.69 -28.52
C ASP A 50 -12.31 -3.79 -27.99
N HIS A 51 -12.77 -2.76 -27.25
CA HIS A 51 -14.19 -2.67 -26.85
C HIS A 51 -15.07 -2.07 -27.97
N PHE A 52 -14.45 -1.50 -29.01
CA PHE A 52 -15.18 -0.88 -30.13
C PHE A 52 -15.73 -1.98 -31.05
N MET A 53 -16.90 -1.75 -31.65
CA MET A 53 -17.50 -2.75 -32.52
CA MET A 53 -17.52 -2.73 -32.52
C MET A 53 -16.82 -2.78 -33.88
N ASP A 54 -16.80 -1.65 -34.60
CA ASP A 54 -16.31 -1.65 -35.99
C ASP A 54 -14.81 -1.37 -36.01
N ILE A 55 -14.08 -2.38 -35.60
CA ILE A 55 -12.62 -2.38 -35.68
C ILE A 55 -12.16 -2.84 -37.05
N ALA A 56 -13.02 -3.39 -37.87
CA ALA A 56 -12.62 -3.89 -39.19
C ALA A 56 -12.25 -2.74 -40.12
N SER A 57 -12.94 -1.60 -39.99
CA SER A 57 -12.68 -0.43 -40.84
C SER A 57 -11.69 0.51 -40.17
N THR A 58 -10.55 0.70 -40.82
CA THR A 58 -9.56 1.65 -40.36
C THR A 58 -10.17 3.03 -40.29
N GLN A 59 -11.02 3.38 -41.25
CA GLN A 59 -11.70 4.66 -41.23
CA GLN A 59 -11.71 4.66 -41.24
C GLN A 59 -12.57 4.82 -39.97
N SER A 60 -13.34 3.80 -39.64
CA SER A 60 -14.17 3.88 -38.45
C SER A 60 -13.34 4.05 -37.17
N VAL A 61 -12.24 3.33 -37.08
CA VAL A 61 -11.33 3.46 -35.92
C VAL A 61 -10.74 4.85 -35.82
N LEU A 62 -10.29 5.37 -36.95
CA LEU A 62 -9.71 6.72 -36.94
C LEU A 62 -10.71 7.80 -36.65
N THR A 63 -11.92 7.65 -37.16
CA THR A 63 -12.96 8.63 -36.88
C THR A 63 -13.26 8.67 -35.36
N ALA A 64 -13.33 7.50 -34.73
CA ALA A 64 -13.49 7.45 -33.28
C ALA A 64 -12.32 8.06 -32.53
N ALA A 65 -11.10 7.80 -32.97
CA ALA A 65 -9.90 8.40 -32.34
C ALA A 65 -9.97 9.89 -32.44
N ARG A 66 -10.40 10.42 -33.59
CA ARG A 66 -10.51 11.86 -33.79
C ARG A 66 -11.57 12.45 -32.88
N VAL A 67 -12.69 11.76 -32.73
CA VAL A 67 -13.76 12.21 -31.82
C VAL A 67 -13.20 12.37 -30.39
N ILE A 68 -12.43 11.39 -29.95
CA ILE A 68 -11.86 11.42 -28.61
C ILE A 68 -10.81 12.50 -28.49
N ARG A 69 -9.92 12.59 -29.46
CA ARG A 69 -8.90 13.66 -29.48
C ARG A 69 -9.54 15.04 -29.40
N ASP A 70 -10.60 15.24 -30.17
CA ASP A 70 -11.25 16.56 -30.22
C ASP A 70 -12.10 16.80 -28.97
N ALA A 71 -12.63 15.74 -28.35
CA ALA A 71 -13.38 15.87 -27.08
C ALA A 71 -12.47 16.25 -25.92
N MET A 72 -11.20 15.79 -25.96
CA MET A 72 -10.24 16.01 -24.89
CA MET A 72 -10.25 16.01 -24.88
C MET A 72 -8.90 16.45 -25.46
N PRO A 73 -8.85 17.67 -26.03
CA PRO A 73 -7.67 18.10 -26.77
C PRO A 73 -6.39 18.26 -25.95
N ASP A 74 -6.54 18.48 -24.64
CA ASP A 74 -5.34 18.75 -23.82
C ASP A 74 -4.89 17.57 -22.94
N ILE A 75 -5.54 16.41 -23.11
CA ILE A 75 -5.24 15.23 -22.29
CA ILE A 75 -5.24 15.24 -22.29
C ILE A 75 -4.31 14.32 -23.09
N PRO A 76 -3.24 13.79 -22.46
CA PRO A 76 -2.47 12.72 -23.11
C PRO A 76 -3.40 11.58 -23.50
N LEU A 77 -3.33 11.15 -24.76
CA LEU A 77 -4.21 10.13 -25.31
C LEU A 77 -3.41 8.91 -25.71
N LEU A 78 -3.77 7.77 -25.13
CA LEU A 78 -3.09 6.47 -25.33
C LEU A 78 -4.05 5.56 -26.09
N PHE A 79 -3.62 5.08 -27.27
CA PHE A 79 -4.39 4.16 -28.12
C PHE A 79 -4.02 2.73 -27.75
N THR A 80 -4.99 1.93 -27.32
CA THR A 80 -4.73 0.57 -26.92
C THR A 80 -5.72 -0.40 -27.52
N PHE A 81 -5.24 -1.25 -28.42
CA PHE A 81 -5.99 -2.45 -28.80
C PHE A 81 -5.45 -3.57 -27.96
N ARG A 82 -6.22 -4.04 -26.96
CA ARG A 82 -5.78 -5.19 -26.16
C ARG A 82 -6.26 -6.44 -26.86
N SER A 83 -5.34 -7.31 -27.27
CA SER A 83 -5.70 -8.53 -27.99
CA SER A 83 -5.70 -8.53 -27.99
C SER A 83 -6.40 -9.49 -27.04
N ALA A 84 -7.26 -10.31 -27.58
CA ALA A 84 -7.91 -11.33 -26.78
C ALA A 84 -6.90 -12.25 -26.10
N LYS A 85 -5.81 -12.53 -26.81
CA LYS A 85 -4.69 -13.35 -26.31
C LYS A 85 -4.18 -12.82 -24.96
N GLU A 86 -4.16 -11.51 -24.80
CA GLU A 86 -3.70 -10.84 -23.57
C GLU A 86 -4.81 -10.21 -22.71
N GLY A 87 -6.02 -10.75 -22.82
CA GLY A 87 -7.10 -10.42 -21.92
C GLY A 87 -8.11 -9.41 -22.44
N GLY A 88 -8.02 -9.10 -23.74
CA GLY A 88 -8.91 -8.12 -24.36
C GLY A 88 -10.23 -8.72 -24.80
N GLU A 89 -11.03 -7.86 -25.41
CA GLU A 89 -12.44 -8.18 -25.68
C GLU A 89 -12.72 -8.86 -27.00
N GLN A 90 -11.77 -8.88 -27.92
CA GLN A 90 -11.98 -9.56 -29.21
C GLN A 90 -10.64 -9.83 -29.86
N THR A 91 -10.65 -10.79 -30.80
CA THR A 91 -9.45 -11.13 -31.55
C THR A 91 -9.19 -10.16 -32.70
N ILE A 92 -7.94 -10.15 -33.15
CA ILE A 92 -7.54 -9.36 -34.29
C ILE A 92 -6.38 -10.09 -34.95
N THR A 93 -6.27 -9.99 -36.28
CA THR A 93 -5.07 -10.54 -36.93
C THR A 93 -3.86 -9.68 -36.63
N THR A 94 -2.68 -10.25 -36.64
CA THR A 94 -1.49 -9.43 -36.42
C THR A 94 -1.36 -8.34 -37.49
N GLN A 95 -1.72 -8.65 -38.74
CA GLN A 95 -1.63 -7.68 -39.79
C GLN A 95 -2.63 -6.54 -39.57
N HIS A 96 -3.85 -6.84 -39.12
CA HIS A 96 -4.80 -5.76 -38.92
C HIS A 96 -4.47 -4.94 -37.69
N TYR A 97 -3.95 -5.57 -36.66
CA TYR A 97 -3.39 -4.86 -35.49
C TYR A 97 -2.31 -3.87 -35.92
N LEU A 98 -1.38 -4.29 -36.76
CA LEU A 98 -0.34 -3.41 -37.33
C LEU A 98 -0.94 -2.27 -38.10
N THR A 99 -1.96 -2.56 -38.93
CA THR A 99 -2.60 -1.51 -39.73
C THR A 99 -3.23 -0.45 -38.83
N LEU A 100 -4.02 -0.90 -37.85
CA LEU A 100 -4.66 0.08 -36.94
C LEU A 100 -3.65 0.92 -36.18
N ASN A 101 -2.62 0.27 -35.68
CA ASN A 101 -1.59 0.99 -34.91
CA ASN A 101 -1.55 0.95 -34.91
C ASN A 101 -0.82 1.97 -35.79
N ARG A 102 -0.41 1.55 -36.99
CA ARG A 102 0.27 2.47 -37.88
C ARG A 102 -0.62 3.66 -38.24
N ALA A 103 -1.89 3.40 -38.52
CA ALA A 103 -2.81 4.47 -38.86
C ALA A 103 -3.00 5.44 -37.72
N ALA A 104 -3.10 4.90 -36.49
CA ALA A 104 -3.21 5.74 -35.31
C ALA A 104 -2.00 6.64 -35.17
N ILE A 105 -0.85 6.03 -35.34
CA ILE A 105 0.43 6.72 -35.21
C ILE A 105 0.55 7.87 -36.20
N ASP A 106 0.30 7.59 -37.49
CA ASP A 106 0.64 8.58 -38.52
C ASP A 106 -0.46 9.61 -38.74
N SER A 107 -1.60 9.42 -38.06
CA SER A 107 -2.74 10.34 -38.10
CA SER A 107 -2.69 10.42 -38.23
C SER A 107 -2.54 11.60 -37.29
N GLY A 108 -1.59 11.55 -36.36
CA GLY A 108 -1.38 12.67 -35.42
C GLY A 108 -2.39 12.73 -34.27
N LEU A 109 -3.29 11.77 -34.19
CA LEU A 109 -4.42 11.85 -33.26
C LEU A 109 -4.07 11.37 -31.86
N VAL A 110 -3.00 10.61 -31.69
CA VAL A 110 -2.68 10.02 -30.39
C VAL A 110 -1.27 10.36 -29.96
N ASP A 111 -1.07 10.46 -28.63
CA ASP A 111 0.25 10.78 -28.08
C ASP A 111 1.09 9.56 -27.81
N MET A 112 0.39 8.46 -27.53
CA MET A 112 1.01 7.22 -27.13
C MET A 112 0.23 6.07 -27.72
N ILE A 113 0.93 4.96 -27.95
CA ILE A 113 0.31 3.72 -28.35
CA ILE A 113 0.28 3.71 -28.34
C ILE A 113 0.76 2.57 -27.46
N ASP A 114 -0.13 1.62 -27.22
CA ASP A 114 0.23 0.39 -26.51
C ASP A 114 0.56 -0.65 -27.57
N LEU A 115 1.73 -1.28 -27.44
CA LEU A 115 2.19 -2.30 -28.35
CA LEU A 115 2.19 -2.30 -28.35
C LEU A 115 2.54 -3.55 -27.53
N GLU A 116 1.90 -4.68 -27.82
CA GLU A 116 2.14 -5.90 -27.04
C GLU A 116 3.47 -6.54 -27.45
N LEU A 117 4.34 -6.75 -26.46
CA LEU A 117 5.64 -7.35 -26.67
C LEU A 117 5.57 -8.65 -27.45
N PHE A 118 4.61 -9.52 -27.16
CA PHE A 118 4.54 -10.85 -27.77
CA PHE A 118 4.57 -10.84 -27.79
C PHE A 118 3.86 -10.87 -29.16
N THR A 119 3.63 -9.69 -29.76
CA THR A 119 3.05 -9.61 -31.09
C THR A 119 3.93 -10.30 -32.14
N GLY A 120 5.25 -10.24 -31.91
CA GLY A 120 6.23 -10.75 -32.86
C GLY A 120 7.31 -9.72 -33.07
N ASP A 121 8.55 -10.21 -33.13
CA ASP A 121 9.70 -9.33 -33.10
C ASP A 121 9.72 -8.36 -34.27
N ALA A 122 9.46 -8.84 -35.49
CA ALA A 122 9.54 -7.96 -36.66
C ALA A 122 8.50 -6.88 -36.57
N ASP A 123 7.28 -7.26 -36.22
CA ASP A 123 6.20 -6.28 -36.13
C ASP A 123 6.43 -5.28 -34.99
N VAL A 124 6.95 -5.76 -33.86
CA VAL A 124 7.25 -4.87 -32.75
C VAL A 124 8.30 -3.86 -33.14
N LYS A 125 9.42 -4.32 -33.67
CA LYS A 125 10.49 -3.39 -34.05
C LYS A 125 10.01 -2.37 -35.08
N ALA A 126 9.28 -2.85 -36.08
CA ALA A 126 8.82 -1.93 -37.13
C ALA A 126 7.87 -0.91 -36.55
N THR A 127 6.98 -1.35 -35.66
CA THR A 127 6.00 -0.45 -35.09
C THR A 127 6.64 0.55 -34.13
N VAL A 128 7.62 0.12 -33.34
CA VAL A 128 8.38 1.06 -32.50
C VAL A 128 9.03 2.15 -33.36
N ASP A 129 9.70 1.72 -34.43
CA ASP A 129 10.34 2.67 -35.30
C ASP A 129 9.35 3.66 -35.91
N TYR A 130 8.21 3.15 -36.33
CA TYR A 130 7.18 3.98 -36.92
C TYR A 130 6.64 4.98 -35.92
N ALA A 131 6.34 4.51 -34.71
CA ALA A 131 5.89 5.39 -33.63
C ALA A 131 6.90 6.50 -33.41
N HIS A 132 8.16 6.13 -33.23
CA HIS A 132 9.16 7.15 -32.93
C HIS A 132 9.37 8.14 -34.06
N ALA A 133 9.28 7.66 -35.29
CA ALA A 133 9.47 8.53 -36.44
C ALA A 133 8.37 9.57 -36.54
N HIS A 134 7.21 9.32 -35.93
CA HIS A 134 6.09 10.24 -35.91
C HIS A 134 5.82 10.87 -34.53
N ASN A 135 6.82 10.86 -33.64
CA ASN A 135 6.73 11.53 -32.35
C ASN A 135 5.59 10.95 -31.51
N VAL A 136 5.44 9.63 -31.54
CA VAL A 136 4.50 8.94 -30.66
C VAL A 136 5.27 8.01 -29.73
N TYR A 137 4.90 8.03 -28.44
CA TYR A 137 5.52 7.15 -27.45
C TYR A 137 4.88 5.79 -27.44
N VAL A 138 5.71 4.79 -27.13
CA VAL A 138 5.29 3.39 -27.06
C VAL A 138 5.29 2.90 -25.61
N VAL A 139 4.10 2.52 -25.16
CA VAL A 139 3.90 1.72 -23.96
C VAL A 139 3.97 0.28 -24.44
N MET A 140 5.08 -0.40 -24.21
CA MET A 140 5.20 -1.78 -24.68
C MET A 140 4.70 -2.66 -23.54
N SER A 141 3.84 -3.63 -23.85
CA SER A 141 3.05 -4.22 -22.79
C SER A 141 3.00 -5.74 -22.83
N ASN A 142 2.68 -6.32 -21.68
CA ASN A 142 2.53 -7.75 -21.55
C ASN A 142 1.57 -7.98 -20.41
N HIS A 143 0.73 -8.99 -20.57
CA HIS A 143 -0.36 -9.29 -19.62
C HIS A 143 -0.49 -10.78 -19.45
N ASP A 144 -0.66 -11.21 -18.20
CA ASP A 144 -1.03 -12.58 -17.90
C ASP A 144 -2.26 -12.50 -17.01
N PHE A 145 -3.43 -12.83 -17.59
CA PHE A 145 -4.67 -12.79 -16.84
C PHE A 145 -4.97 -14.05 -16.03
N HIS A 146 -4.07 -15.03 -16.09
CA HIS A 146 -4.26 -16.28 -15.38
C HIS A 146 -3.38 -16.44 -14.15
N GLN A 147 -2.14 -15.98 -14.21
CA GLN A 147 -1.17 -16.27 -13.18
C GLN A 147 -0.06 -15.24 -13.15
N THR A 148 0.84 -15.40 -12.16
CA THR A 148 1.98 -14.51 -12.00
C THR A 148 3.26 -15.29 -12.30
N PRO A 149 4.01 -14.86 -13.34
CA PRO A 149 5.33 -15.46 -13.57
C PRO A 149 6.30 -15.18 -12.42
N SER A 150 7.47 -15.82 -12.46
CA SER A 150 8.49 -15.55 -11.47
C SER A 150 8.97 -14.11 -11.61
N ALA A 151 9.50 -13.56 -10.52
CA ALA A 151 10.07 -12.22 -10.59
C ALA A 151 11.18 -12.16 -11.64
N GLU A 152 11.98 -13.22 -11.75
CA GLU A 152 13.06 -13.25 -12.72
C GLU A 152 12.53 -13.13 -14.15
N GLU A 153 11.46 -13.89 -14.45
CA GLU A 153 10.86 -13.85 -15.77
C GLU A 153 10.27 -12.47 -16.05
N MET A 154 9.60 -11.88 -15.06
CA MET A 154 9.05 -10.54 -15.25
C MET A 154 10.10 -9.48 -15.46
N VAL A 155 11.17 -9.49 -14.68
CA VAL A 155 12.25 -8.53 -14.86
C VAL A 155 12.87 -8.67 -16.26
N LEU A 156 13.10 -9.92 -16.69
CA LEU A 156 13.64 -10.13 -18.03
C LEU A 156 12.72 -9.55 -19.11
N ARG A 157 11.41 -9.72 -18.97
CA ARG A 157 10.47 -9.15 -19.94
C ARG A 157 10.56 -7.63 -19.98
N LEU A 158 10.58 -6.99 -18.82
CA LEU A 158 10.70 -5.55 -18.77
C LEU A 158 12.00 -5.05 -19.39
N ARG A 159 13.11 -5.77 -19.13
CA ARG A 159 14.38 -5.39 -19.73
C ARG A 159 14.36 -5.59 -21.26
N LYS A 160 13.69 -6.65 -21.72
CA LYS A 160 13.57 -6.91 -23.15
C LYS A 160 12.79 -5.78 -23.83
N MET A 161 11.73 -5.31 -23.17
CA MET A 161 10.97 -4.17 -23.71
C MET A 161 11.82 -2.93 -23.83
N GLN A 162 12.62 -2.64 -22.79
CA GLN A 162 13.62 -1.56 -22.88
CA GLN A 162 13.61 -1.55 -22.88
C GLN A 162 14.56 -1.74 -24.06
N ALA A 163 15.09 -2.95 -24.22
CA ALA A 163 16.04 -3.21 -25.30
C ALA A 163 15.43 -3.01 -26.67
N LEU A 164 14.12 -3.27 -26.81
CA LEU A 164 13.40 -3.08 -28.06
C LEU A 164 12.89 -1.65 -28.27
N GLY A 165 13.21 -0.72 -27.37
CA GLY A 165 12.94 0.69 -27.58
C GLY A 165 11.67 1.16 -26.96
N ALA A 166 11.01 0.36 -26.11
CA ALA A 166 9.83 0.83 -25.40
C ALA A 166 10.12 2.15 -24.69
N ASP A 167 9.23 3.14 -24.81
CA ASP A 167 9.38 4.32 -23.97
C ASP A 167 8.98 4.01 -22.54
N ILE A 168 7.94 3.21 -22.37
CA ILE A 168 7.44 2.79 -21.05
C ILE A 168 7.12 1.29 -21.12
N PRO A 169 8.00 0.42 -20.58
CA PRO A 169 7.63 -0.98 -20.39
C PRO A 169 6.46 -1.14 -19.42
N LYS A 170 5.59 -2.11 -19.68
CA LYS A 170 4.44 -2.32 -18.83
CA LYS A 170 4.45 -2.32 -18.84
C LYS A 170 4.11 -3.79 -18.70
N ILE A 171 3.90 -4.24 -17.47
CA ILE A 171 3.42 -5.62 -17.24
C ILE A 171 2.26 -5.65 -16.23
N ALA A 172 1.24 -6.45 -16.55
CA ALA A 172 0.12 -6.68 -15.67
C ALA A 172 -0.05 -8.17 -15.51
N VAL A 173 -0.15 -8.66 -14.28
CA VAL A 173 -0.22 -10.08 -13.97
C VAL A 173 -1.30 -10.36 -12.95
N MET A 174 -1.83 -11.58 -12.98
CA MET A 174 -2.92 -11.99 -12.11
C MET A 174 -2.38 -12.80 -10.94
N PRO A 175 -2.61 -12.30 -9.70
CA PRO A 175 -2.18 -13.10 -8.54
C PRO A 175 -3.13 -14.27 -8.32
N GLN A 176 -2.56 -15.40 -7.95
CA GLN A 176 -3.35 -16.54 -7.44
C GLN A 176 -3.20 -16.69 -5.92
N SER A 177 -2.45 -15.79 -5.31
CA SER A 177 -2.17 -15.80 -3.87
C SER A 177 -1.65 -14.43 -3.49
N LYS A 178 -1.62 -14.18 -2.20
CA LYS A 178 -1.04 -12.93 -1.69
C LYS A 178 0.48 -12.92 -1.97
N HIS A 179 1.12 -14.08 -1.90
CA HIS A 179 2.53 -14.20 -2.23
C HIS A 179 2.84 -13.66 -3.62
N ASP A 180 1.98 -13.99 -4.59
CA ASP A 180 2.15 -13.51 -5.96
C ASP A 180 2.15 -12.00 -6.07
N VAL A 181 1.42 -11.32 -5.17
CA VAL A 181 1.42 -9.86 -5.16
C VAL A 181 2.80 -9.35 -4.78
N LEU A 182 3.39 -9.97 -3.75
CA LEU A 182 4.75 -9.58 -3.33
C LEU A 182 5.79 -9.87 -4.44
N THR A 183 5.59 -10.96 -5.19
CA THR A 183 6.47 -11.27 -6.33
C THR A 183 6.47 -10.14 -7.36
N LEU A 184 5.26 -9.66 -7.70
CA LEU A 184 5.15 -8.53 -8.61
C LEU A 184 5.83 -7.27 -8.05
N LEU A 185 5.60 -6.95 -6.78
CA LEU A 185 6.29 -5.82 -6.17
C LEU A 185 7.80 -5.97 -6.17
N THR A 186 8.27 -7.18 -5.91
CA THR A 186 9.70 -7.47 -5.92
C THR A 186 10.31 -7.21 -7.31
N ALA A 187 9.65 -7.72 -8.33
CA ALA A 187 10.11 -7.52 -9.70
C ALA A 187 10.14 -6.05 -10.08
N THR A 188 9.10 -5.33 -9.65
CA THR A 188 8.99 -3.91 -9.94
C THR A 188 10.18 -3.17 -9.35
N LEU A 189 10.45 -3.46 -8.08
CA LEU A 189 11.50 -2.77 -7.36
C LEU A 189 12.86 -3.11 -7.96
N GLU A 190 13.06 -4.38 -8.32
CA GLU A 190 14.33 -4.79 -8.91
C GLU A 190 14.60 -4.05 -10.21
N MET A 191 13.56 -3.95 -11.02
CA MET A 191 13.69 -3.38 -12.33
C MET A 191 14.03 -1.90 -12.16
N GLN A 192 13.23 -1.25 -11.32
CA GLN A 192 13.36 0.20 -11.12
C GLN A 192 14.70 0.56 -10.55
N GLN A 193 15.20 -0.22 -9.59
CA GLN A 193 16.44 0.15 -8.90
C GLN A 193 17.71 -0.27 -9.62
N HIS A 194 17.65 -1.34 -10.40
CA HIS A 194 18.87 -1.87 -11.00
C HIS A 194 18.98 -1.87 -12.52
N TYR A 195 17.86 -1.84 -13.23
CA TYR A 195 17.92 -1.90 -14.69
C TYR A 195 17.26 -0.80 -15.47
N ALA A 196 16.22 -0.22 -14.90
CA ALA A 196 15.41 0.71 -15.67
C ALA A 196 16.20 2.01 -15.91
N ASP A 197 16.14 2.51 -17.13
CA ASP A 197 16.58 3.90 -17.41
C ASP A 197 15.41 4.76 -17.93
N ARG A 198 14.20 4.32 -17.69
CA ARG A 198 12.98 5.00 -18.17
C ARG A 198 11.82 4.53 -17.27
N PRO A 199 10.65 5.17 -17.40
CA PRO A 199 9.55 4.81 -16.49
C PRO A 199 9.05 3.40 -16.83
N VAL A 200 8.57 2.68 -15.83
CA VAL A 200 7.92 1.37 -16.03
CA VAL A 200 7.93 1.36 -16.03
C VAL A 200 6.58 1.40 -15.31
N ILE A 201 5.60 0.67 -15.85
CA ILE A 201 4.28 0.53 -15.24
C ILE A 201 4.11 -0.93 -14.90
N THR A 202 3.67 -1.23 -13.67
CA THR A 202 3.40 -2.62 -13.30
C THR A 202 2.14 -2.67 -12.47
N MET A 203 1.50 -3.83 -12.48
CA MET A 203 0.36 -4.05 -11.61
CA MET A 203 0.37 -4.05 -11.60
C MET A 203 0.10 -5.53 -11.44
N SER A 204 -0.36 -5.86 -10.24
CA SER A 204 -0.93 -7.12 -9.88
C SER A 204 -2.42 -6.85 -9.89
N MET A 205 -3.17 -7.61 -10.67
CA MET A 205 -4.57 -7.33 -10.88
C MET A 205 -5.42 -7.93 -9.75
N ALA A 206 -6.73 -7.68 -9.82
CA ALA A 206 -7.75 -8.22 -8.91
C ALA A 206 -7.69 -7.61 -7.52
N LYS A 207 -8.65 -7.95 -6.69
CA LYS A 207 -8.71 -7.41 -5.34
C LYS A 207 -7.40 -7.65 -4.57
N GLU A 208 -6.85 -8.85 -4.65
CA GLU A 208 -5.63 -9.20 -3.94
CA GLU A 208 -5.63 -9.19 -3.92
C GLU A 208 -4.47 -8.28 -4.32
N GLY A 209 -4.44 -7.86 -5.57
CA GLY A 209 -3.34 -7.05 -6.06
C GLY A 209 -3.51 -5.55 -5.88
N VAL A 210 -4.62 -5.08 -5.30
CA VAL A 210 -4.89 -3.64 -5.34
CA VAL A 210 -4.92 -3.63 -5.28
C VAL A 210 -3.77 -2.81 -4.71
N ILE A 211 -3.10 -3.32 -3.68
CA ILE A 211 -1.98 -2.57 -3.11
C ILE A 211 -0.95 -2.16 -4.16
N SER A 212 -0.75 -2.99 -5.19
CA SER A 212 0.22 -2.66 -6.25
C SER A 212 -0.19 -1.45 -7.09
N ARG A 213 -1.49 -1.17 -7.13
CA ARG A 213 -2.03 0.00 -7.83
C ARG A 213 -1.89 1.28 -6.99
N LEU A 214 -1.61 1.11 -5.69
CA LEU A 214 -1.53 2.22 -4.75
C LEU A 214 -0.10 2.60 -4.41
N ALA A 215 0.81 1.63 -4.50
CA ALA A 215 2.17 1.76 -3.98
C ALA A 215 3.23 2.03 -5.04
N GLY A 216 2.82 2.55 -6.19
CA GLY A 216 3.76 2.84 -7.27
C GLY A 216 4.89 3.79 -6.93
N GLU A 217 4.61 4.78 -6.10
CA GLU A 217 5.66 5.74 -5.78
C GLU A 217 6.80 5.07 -4.99
N VAL A 218 6.47 4.09 -4.17
CA VAL A 218 7.43 3.42 -3.31
CA VAL A 218 7.47 3.44 -3.33
CA VAL A 218 7.48 3.45 -3.33
C VAL A 218 8.22 2.38 -4.11
N PHE A 219 7.51 1.50 -4.84
CA PHE A 219 8.20 0.36 -5.47
C PHE A 219 8.58 0.54 -6.93
N GLY A 220 8.10 1.57 -7.56
CA GLY A 220 8.64 1.98 -8.87
C GLY A 220 7.73 1.88 -10.08
N SER A 221 6.42 1.92 -9.89
CA SER A 221 5.47 1.98 -10.99
C SER A 221 5.06 3.41 -11.26
N ALA A 222 5.23 3.87 -12.49
CA ALA A 222 5.08 5.29 -12.86
C ALA A 222 3.64 5.71 -13.15
N ALA A 223 2.75 4.73 -13.28
CA ALA A 223 1.34 5.02 -13.57
C ALA A 223 0.48 3.89 -13.06
N THR A 224 -0.79 4.22 -12.89
CA THR A 224 -1.75 3.32 -12.29
C THR A 224 -3.13 3.62 -12.87
N PHE A 225 -3.90 2.56 -13.07
CA PHE A 225 -5.26 2.66 -13.65
C PHE A 225 -6.34 2.74 -12.59
N GLY A 226 -7.26 3.69 -12.75
CA GLY A 226 -8.46 3.77 -11.94
C GLY A 226 -9.69 3.66 -12.82
N ALA A 227 -10.83 3.53 -12.16
CA ALA A 227 -12.11 3.35 -12.81
C ALA A 227 -12.94 4.57 -12.59
N VAL A 228 -13.52 5.11 -13.67
CA VAL A 228 -14.43 6.24 -13.54
C VAL A 228 -15.77 5.70 -13.04
N LYS A 229 -16.39 4.79 -13.79
CA LYS A 229 -17.57 4.04 -13.36
C LYS A 229 -17.48 2.54 -13.57
N GLN A 230 -16.82 2.11 -14.64
CA GLN A 230 -16.61 0.69 -14.94
C GLN A 230 -15.12 0.48 -15.03
N ALA A 231 -14.62 -0.55 -14.37
CA ALA A 231 -13.23 -0.94 -14.49
C ALA A 231 -12.95 -1.54 -15.86
N SER A 232 -11.74 -1.29 -16.36
CA SER A 232 -11.24 -1.96 -17.58
C SER A 232 -10.41 -3.20 -17.26
N ALA A 233 -10.14 -3.44 -15.97
CA ALA A 233 -9.51 -4.69 -15.52
C ALA A 233 -9.83 -4.87 -14.04
N PRO A 234 -9.86 -6.14 -13.57
CA PRO A 234 -10.15 -6.38 -12.17
C PRO A 234 -9.14 -5.70 -11.24
N GLY A 235 -9.65 -5.08 -10.16
CA GLY A 235 -8.83 -4.48 -9.12
C GLY A 235 -8.72 -2.98 -9.20
N GLN A 236 -9.06 -2.40 -10.34
CA GLN A 236 -9.10 -0.94 -10.43
C GLN A 236 -10.14 -0.40 -9.49
N ILE A 237 -9.77 0.65 -8.75
CA ILE A 237 -10.69 1.26 -7.81
C ILE A 237 -11.14 2.61 -8.34
N ALA A 238 -12.17 3.15 -7.68
CA ALA A 238 -12.72 4.43 -8.06
C ALA A 238 -11.63 5.47 -8.15
N VAL A 239 -11.61 6.22 -9.24
CA VAL A 239 -10.50 7.08 -9.55
C VAL A 239 -10.24 8.16 -8.47
N ASN A 240 -11.29 8.70 -7.87
CA ASN A 240 -11.11 9.70 -6.81
C ASN A 240 -10.45 9.08 -5.56
N ASP A 241 -10.81 7.84 -5.24
CA ASP A 241 -10.17 7.14 -4.12
C ASP A 241 -8.72 6.81 -4.41
N LEU A 242 -8.45 6.41 -5.65
CA LEU A 242 -7.08 6.20 -6.09
C LEU A 242 -6.25 7.47 -5.86
N ARG A 243 -6.78 8.59 -6.35
CA ARG A 243 -6.09 9.87 -6.21
C ARG A 243 -5.83 10.24 -4.73
N SER A 244 -6.84 10.02 -3.89
CA SER A 244 -6.69 10.31 -2.45
C SER A 244 -5.50 9.55 -1.84
N VAL A 245 -5.40 8.28 -2.17
CA VAL A 245 -4.36 7.43 -1.62
C VAL A 245 -2.99 7.87 -2.16
N LEU A 246 -2.90 8.10 -3.47
CA LEU A 246 -1.63 8.53 -4.05
C LEU A 246 -1.14 9.82 -3.41
N MET A 247 -2.06 10.77 -3.15
CA MET A 247 -1.67 12.04 -2.53
CA MET A 247 -1.67 12.04 -2.53
C MET A 247 -1.17 11.85 -1.10
N ILE A 248 -1.84 11.00 -0.35
CA ILE A 248 -1.41 10.71 1.02
C ILE A 248 -0.03 10.08 1.04
N LEU A 249 0.20 9.07 0.18
CA LEU A 249 1.52 8.46 0.10
C LEU A 249 2.60 9.44 -0.34
N HIS A 250 2.29 10.31 -1.28
CA HIS A 250 3.27 11.26 -1.82
C HIS A 250 3.74 12.25 -0.75
N ASN A 251 2.80 12.68 0.08
CA ASN A 251 3.07 13.66 1.12
C ASN A 251 3.48 13.10 2.48
N ALA A 252 3.51 11.78 2.63
CA ALA A 252 3.78 11.14 3.92
C ALA A 252 5.14 11.49 4.48
N MET B 1 -7.91 -18.78 14.22
CA MET B 1 -7.18 -17.72 14.96
C MET B 1 -7.96 -17.33 16.22
N LYS B 2 -7.30 -17.31 17.37
CA LYS B 2 -7.90 -16.73 18.57
C LYS B 2 -7.80 -15.20 18.57
N THR B 3 -8.90 -14.54 18.22
CA THR B 3 -8.95 -13.08 18.15
C THR B 3 -8.99 -12.51 19.56
N VAL B 4 -8.76 -11.21 19.66
CA VAL B 4 -8.76 -10.53 20.94
C VAL B 4 -9.83 -9.47 20.87
N THR B 5 -10.85 -9.61 21.71
CA THR B 5 -11.95 -8.70 21.76
C THR B 5 -11.85 -7.88 23.03
N VAL B 6 -11.74 -6.56 22.87
CA VAL B 6 -11.58 -5.64 23.98
C VAL B 6 -12.60 -4.53 23.83
N LYS B 7 -13.48 -4.38 24.82
CA LYS B 7 -14.52 -3.35 24.77
C LYS B 7 -15.23 -3.35 23.39
N ASN B 8 -15.62 -4.55 22.96
CA ASN B 8 -16.37 -4.79 21.70
C ASN B 8 -15.60 -4.61 20.39
N LEU B 9 -14.30 -4.31 20.48
CA LEU B 9 -13.42 -4.20 19.32
C LEU B 9 -12.80 -5.54 19.07
N ILE B 10 -12.97 -6.11 17.87
CA ILE B 10 -12.39 -7.42 17.54
C ILE B 10 -11.07 -7.22 16.81
N ILE B 11 -9.97 -7.48 17.52
CA ILE B 11 -8.64 -7.38 16.95
C ILE B 11 -8.30 -8.72 16.28
N GLY B 12 -7.93 -8.64 14.99
CA GLY B 12 -7.62 -9.82 14.17
C GLY B 12 -8.67 -10.17 13.13
N GLU B 13 -9.69 -9.32 13.00
CA GLU B 13 -10.70 -9.46 11.93
C GLU B 13 -10.92 -8.09 11.29
N GLY B 14 -11.38 -8.11 10.04
CA GLY B 14 -11.74 -6.88 9.38
C GLY B 14 -10.57 -5.95 9.12
N MET B 15 -10.87 -4.68 9.20
CA MET B 15 -9.90 -3.63 8.95
C MET B 15 -8.90 -3.58 10.09
N PRO B 16 -7.60 -3.37 9.80
CA PRO B 16 -6.65 -3.18 10.89
C PRO B 16 -7.12 -2.09 11.82
N LYS B 17 -6.91 -2.30 13.11
CA LYS B 17 -7.30 -1.33 14.11
C LYS B 17 -6.27 -0.23 14.25
N ILE B 18 -6.78 0.98 14.39
CA ILE B 18 -5.97 2.17 14.48
C ILE B 18 -5.60 2.44 15.94
N ILE B 19 -4.30 2.53 16.19
CA ILE B 19 -3.74 2.85 17.51
C ILE B 19 -3.11 4.22 17.40
N VAL B 20 -3.35 5.08 18.38
CA VAL B 20 -2.62 6.33 18.53
C VAL B 20 -1.95 6.35 19.90
N SER B 21 -0.80 7.01 19.99
CA SER B 21 -0.05 7.14 21.23
C SER B 21 -0.27 8.50 21.86
N LEU B 22 -0.54 8.47 23.17
CA LEU B 22 -0.62 9.66 24.00
C LEU B 22 0.72 9.81 24.68
N MET B 23 1.29 11.00 24.57
CA MET B 23 2.58 11.32 25.12
C MET B 23 2.36 12.65 25.86
N GLY B 24 2.45 12.61 27.18
CA GLY B 24 2.45 13.83 27.98
C GLY B 24 3.54 13.71 29.03
N ARG B 25 4.14 14.84 29.35
CA ARG B 25 5.30 14.84 30.22
C ARG B 25 4.94 14.82 31.69
N ASP B 26 3.75 15.30 32.03
CA ASP B 26 3.29 15.41 33.41
C ASP B 26 1.79 15.20 33.47
N ILE B 27 1.23 15.28 34.66
CA ILE B 27 -0.18 15.00 34.83
C ILE B 27 -1.04 16.01 34.09
N ASN B 28 -0.73 17.29 34.17
CA ASN B 28 -1.54 18.30 33.49
CA ASN B 28 -1.59 18.28 33.48
C ASN B 28 -1.53 18.11 31.97
N SER B 29 -0.34 17.79 31.41
CA SER B 29 -0.28 17.57 29.97
CA SER B 29 -0.22 17.52 29.97
C SER B 29 -0.98 16.27 29.56
N VAL B 30 -0.91 15.22 30.38
CA VAL B 30 -1.65 13.98 30.11
C VAL B 30 -3.15 14.28 30.11
N LYS B 31 -3.62 15.07 31.08
CA LYS B 31 -5.04 15.40 31.11
C LYS B 31 -5.47 16.15 29.86
N ALA B 32 -4.65 17.12 29.48
CA ALA B 32 -4.99 17.94 28.33
C ALA B 32 -5.00 17.12 27.04
N GLU B 33 -4.01 16.23 26.90
CA GLU B 33 -3.93 15.37 25.72
C GLU B 33 -5.11 14.42 25.70
N ALA B 34 -5.46 13.82 26.83
CA ALA B 34 -6.58 12.87 26.87
C ALA B 34 -7.86 13.52 26.42
N LEU B 35 -8.08 14.75 26.90
CA LEU B 35 -9.26 15.51 26.51
C LEU B 35 -9.26 15.82 25.01
N ALA B 36 -8.12 16.32 24.52
CA ALA B 36 -7.99 16.65 23.11
C ALA B 36 -8.16 15.44 22.19
N TYR B 37 -7.71 14.27 22.64
CA TYR B 37 -7.76 13.07 21.81
C TYR B 37 -9.17 12.56 21.59
N ARG B 38 -10.14 13.00 22.43
CA ARG B 38 -11.52 12.49 22.33
C ARG B 38 -12.16 12.71 20.97
N GLU B 39 -11.83 13.82 20.35
CA GLU B 39 -12.42 14.16 19.07
C GLU B 39 -11.71 13.54 17.87
N ALA B 40 -10.54 12.93 18.06
CA ALA B 40 -9.90 12.15 16.97
C ALA B 40 -10.59 10.81 16.87
N THR B 41 -10.45 10.13 15.73
CA THR B 41 -11.11 8.84 15.54
C THR B 41 -10.05 7.75 15.40
N PHE B 42 -10.09 6.80 16.32
CA PHE B 42 -9.13 5.72 16.40
C PHE B 42 -9.77 4.59 17.21
N ASP B 43 -9.13 3.43 17.21
CA ASP B 43 -9.69 2.24 17.87
C ASP B 43 -9.11 1.95 19.25
N ILE B 44 -7.81 2.21 19.43
CA ILE B 44 -7.09 1.87 20.64
C ILE B 44 -6.19 3.05 21.02
N LEU B 45 -6.17 3.39 22.31
CA LEU B 45 -5.27 4.42 22.83
CA LEU B 45 -5.26 4.40 22.82
C LEU B 45 -4.09 3.74 23.51
N GLU B 46 -2.89 4.01 23.02
CA GLU B 46 -1.66 3.59 23.69
C GLU B 46 -1.15 4.76 24.51
N TRP B 47 -0.96 4.52 25.81
CA TRP B 47 -0.29 5.53 26.63
C TRP B 47 1.20 5.19 26.64
N ARG B 48 2.01 6.06 26.05
CA ARG B 48 3.46 5.90 26.08
C ARG B 48 4.01 6.44 27.38
N VAL B 49 4.09 5.52 28.33
CA VAL B 49 4.45 5.84 29.72
C VAL B 49 5.89 6.33 29.81
N ASP B 50 6.77 5.87 28.93
CA ASP B 50 8.17 6.30 28.99
C ASP B 50 8.36 7.78 28.62
N HIS B 51 7.36 8.41 28.02
CA HIS B 51 7.37 9.86 27.80
C HIS B 51 6.96 10.66 29.05
N PHE B 52 6.40 9.99 30.05
CA PHE B 52 5.98 10.64 31.32
C PHE B 52 7.23 10.86 32.19
N MET B 53 7.37 12.07 32.72
CA MET B 53 8.60 12.41 33.47
C MET B 53 8.48 12.25 34.98
N ASP B 54 7.35 11.71 35.44
CA ASP B 54 7.24 11.33 36.87
CA ASP B 54 7.11 11.36 36.84
C ASP B 54 6.96 9.84 37.02
N ILE B 55 7.65 9.04 36.23
CA ILE B 55 7.60 7.59 36.37
CA ILE B 55 7.60 7.59 36.36
C ILE B 55 8.22 7.08 37.67
N ALA B 56 8.98 7.94 38.35
CA ALA B 56 9.54 7.62 39.64
C ALA B 56 8.46 7.24 40.69
N SER B 57 7.27 7.81 40.56
CA SER B 57 6.19 7.59 41.52
C SER B 57 5.11 6.67 40.91
N THR B 58 4.88 5.53 41.53
CA THR B 58 3.83 4.61 41.08
C THR B 58 2.48 5.30 41.19
N GLN B 59 2.29 6.10 42.23
CA GLN B 59 1.07 6.87 42.39
CA GLN B 59 1.07 6.88 42.39
C GLN B 59 0.84 7.83 41.21
N SER B 60 1.89 8.57 40.84
CA SER B 60 1.76 9.50 39.73
C SER B 60 1.40 8.77 38.44
N VAL B 61 2.02 7.61 38.19
CA VAL B 61 1.75 6.83 36.98
C VAL B 61 0.28 6.36 36.97
N LEU B 62 -0.18 5.85 38.11
CA LEU B 62 -1.54 5.34 38.15
C LEU B 62 -2.58 6.47 38.07
N THR B 63 -2.29 7.59 38.68
CA THR B 63 -3.19 8.74 38.57
C THR B 63 -3.30 9.22 37.10
N ALA B 64 -2.19 9.22 36.38
CA ALA B 64 -2.22 9.55 34.94
C ALA B 64 -3.06 8.53 34.16
N ALA B 65 -2.88 7.25 34.45
CA ALA B 65 -3.68 6.22 33.77
C ALA B 65 -5.18 6.44 34.05
N ARG B 66 -5.51 6.78 35.29
CA ARG B 66 -6.90 7.02 35.68
C ARG B 66 -7.46 8.25 34.95
N VAL B 67 -6.66 9.30 34.83
CA VAL B 67 -7.09 10.48 34.06
C VAL B 67 -7.46 10.12 32.61
N ILE B 68 -6.65 9.29 31.99
CA ILE B 68 -6.91 8.86 30.63
C ILE B 68 -8.18 7.99 30.57
N ARG B 69 -8.25 7.00 31.48
CA ARG B 69 -9.43 6.13 31.56
C ARG B 69 -10.71 6.92 31.74
N ASP B 70 -10.68 7.94 32.59
CA ASP B 70 -11.88 8.75 32.84
C ASP B 70 -12.28 9.62 31.65
N ALA B 71 -11.32 10.08 30.86
CA ALA B 71 -11.62 10.83 29.64
C ALA B 71 -12.18 9.93 28.53
N MET B 72 -11.76 8.67 28.50
CA MET B 72 -12.10 7.72 27.44
C MET B 72 -12.53 6.37 28.04
N PRO B 73 -13.69 6.35 28.69
CA PRO B 73 -14.10 5.15 29.40
C PRO B 73 -14.40 3.92 28.52
N ASP B 74 -14.73 4.17 27.25
CA ASP B 74 -15.12 3.07 26.36
C ASP B 74 -14.07 2.72 25.31
N ILE B 75 -12.85 3.27 25.44
CA ILE B 75 -11.78 3.01 24.49
C ILE B 75 -10.85 1.93 25.07
N PRO B 76 -10.49 0.92 24.27
CA PRO B 76 -9.39 0.04 24.67
C PRO B 76 -8.14 0.84 25.00
N LEU B 77 -7.59 0.62 26.19
CA LEU B 77 -6.47 1.38 26.69
C LEU B 77 -5.28 0.46 26.87
N LEU B 78 -4.18 0.78 26.18
CA LEU B 78 -2.97 -0.04 26.15
C LEU B 78 -1.86 0.75 26.87
N PHE B 79 -1.27 0.14 27.91
CA PHE B 79 -0.20 0.75 28.72
C PHE B 79 1.12 0.28 28.17
N THR B 80 1.95 1.22 27.69
CA THR B 80 3.24 0.89 27.11
C THR B 80 4.35 1.71 27.70
N PHE B 81 5.27 1.04 28.41
CA PHE B 81 6.53 1.62 28.75
C PHE B 81 7.51 1.06 27.73
N ARG B 82 7.95 1.89 26.78
CA ARG B 82 8.96 1.45 25.80
C ARG B 82 10.33 1.66 26.43
N SER B 83 11.11 0.58 26.59
CA SER B 83 12.41 0.69 27.22
C SER B 83 13.37 1.46 26.32
N ALA B 84 14.33 2.12 26.93
CA ALA B 84 15.33 2.83 26.16
C ALA B 84 16.06 1.88 25.18
N LYS B 85 16.31 0.66 25.64
CA LYS B 85 16.97 -0.41 24.85
C LYS B 85 16.25 -0.60 23.50
N GLU B 86 14.92 -0.49 23.52
CA GLU B 86 14.10 -0.68 22.32
C GLU B 86 13.49 0.61 21.75
N GLY B 87 14.15 1.74 21.99
CA GLY B 87 13.85 2.97 21.31
C GLY B 87 13.04 3.97 22.11
N GLY B 88 12.87 3.70 23.41
CA GLY B 88 12.07 4.56 24.28
C GLY B 88 12.85 5.74 24.83
N GLU B 89 12.14 6.55 25.62
CA GLU B 89 12.65 7.87 26.03
C GLU B 89 13.57 7.91 27.24
N GLN B 90 13.58 6.86 28.06
CA GLN B 90 14.33 6.87 29.30
C GLN B 90 14.65 5.47 29.77
N THR B 91 15.77 5.37 30.48
CA THR B 91 16.22 4.11 31.03
C THR B 91 15.70 3.99 32.44
N ILE B 92 15.10 2.83 32.74
CA ILE B 92 14.78 2.44 34.11
C ILE B 92 15.16 1.01 34.34
N THR B 93 15.25 0.61 35.59
CA THR B 93 15.65 -0.75 35.93
C THR B 93 14.60 -1.75 35.51
N THR B 94 15.03 -2.99 35.28
CA THR B 94 14.09 -4.05 34.95
C THR B 94 13.03 -4.22 36.04
N GLN B 95 13.41 -4.11 37.30
CA GLN B 95 12.46 -4.25 38.39
CA GLN B 95 12.43 -4.25 38.37
CA GLN B 95 12.46 -4.24 38.40
C GLN B 95 11.46 -3.10 38.38
N HIS B 96 11.91 -1.88 38.06
CA HIS B 96 10.99 -0.74 38.00
C HIS B 96 9.97 -0.93 36.83
N TYR B 97 10.46 -1.38 35.67
CA TYR B 97 9.62 -1.70 34.54
C TYR B 97 8.52 -2.72 34.92
N LEU B 98 8.96 -3.80 35.57
CA LEU B 98 8.01 -4.87 35.93
C LEU B 98 7.01 -4.38 36.97
N THR B 99 7.47 -3.57 37.92
CA THR B 99 6.60 -3.00 38.93
C THR B 99 5.53 -2.11 38.32
N LEU B 100 5.93 -1.21 37.42
CA LEU B 100 4.93 -0.36 36.76
C LEU B 100 3.88 -1.16 35.99
N ASN B 101 4.34 -2.17 35.26
CA ASN B 101 3.45 -3.03 34.51
C ASN B 101 2.49 -3.84 35.41
N ARG B 102 3.02 -4.42 36.50
CA ARG B 102 2.15 -5.15 37.41
CA ARG B 102 2.17 -5.13 37.44
C ARG B 102 1.12 -4.20 38.06
N ALA B 103 1.54 -2.99 38.43
CA ALA B 103 0.60 -2.01 39.01
C ALA B 103 -0.48 -1.63 38.02
N ALA B 104 -0.08 -1.44 36.76
CA ALA B 104 -1.07 -1.15 35.71
C ALA B 104 -2.07 -2.29 35.57
N ILE B 105 -1.55 -3.50 35.54
CA ILE B 105 -2.38 -4.68 35.41
C ILE B 105 -3.41 -4.80 36.51
N ASP B 106 -2.98 -4.66 37.77
CA ASP B 106 -3.89 -4.99 38.88
C ASP B 106 -4.77 -3.80 39.31
N SER B 107 -4.54 -2.65 38.69
CA SER B 107 -5.34 -1.45 38.94
C SER B 107 -6.72 -1.50 38.30
N GLY B 108 -6.86 -2.34 37.27
CA GLY B 108 -8.11 -2.36 36.50
C GLY B 108 -8.32 -1.21 35.54
N LEU B 109 -7.35 -0.30 35.46
CA LEU B 109 -7.48 0.91 34.67
C LEU B 109 -7.19 0.70 33.19
N VAL B 110 -6.48 -0.37 32.83
CA VAL B 110 -6.08 -0.59 31.46
C VAL B 110 -6.53 -1.98 30.97
N ASP B 111 -6.77 -2.07 29.66
CA ASP B 111 -7.21 -3.30 29.02
C ASP B 111 -6.09 -4.18 28.57
N MET B 112 -4.97 -3.54 28.25
CA MET B 112 -3.86 -4.21 27.62
CA MET B 112 -3.85 -4.20 27.62
C MET B 112 -2.54 -3.62 28.13
N ILE B 113 -1.51 -4.43 28.17
CA ILE B 113 -0.15 -3.95 28.39
C ILE B 113 0.80 -4.39 27.28
N ASP B 114 1.81 -3.57 27.02
CA ASP B 114 2.90 -3.94 26.13
C ASP B 114 4.02 -4.53 26.98
N LEU B 115 4.47 -5.72 26.64
CA LEU B 115 5.57 -6.38 27.32
CA LEU B 115 5.61 -6.35 27.31
C LEU B 115 6.65 -6.73 26.29
N GLU B 116 7.88 -6.29 26.50
CA GLU B 116 8.94 -6.58 25.53
C GLU B 116 9.46 -8.00 25.65
N LEU B 117 9.45 -8.72 24.54
CA LEU B 117 9.89 -10.09 24.48
C LEU B 117 11.24 -10.33 25.14
N PHE B 118 12.21 -9.46 24.85
CA PHE B 118 13.60 -9.68 25.32
C PHE B 118 13.89 -9.10 26.70
N THR B 119 12.83 -8.83 27.47
CA THR B 119 12.97 -8.47 28.88
C THR B 119 13.64 -9.60 29.68
N GLY B 120 13.39 -10.84 29.27
CA GLY B 120 13.93 -12.03 29.93
C GLY B 120 12.81 -13.05 30.07
N ASP B 121 13.09 -14.31 29.75
CA ASP B 121 12.02 -15.30 29.63
C ASP B 121 11.22 -15.50 30.93
N ALA B 122 11.91 -15.61 32.05
CA ALA B 122 11.25 -15.85 33.33
C ALA B 122 10.36 -14.67 33.70
N ASP B 123 10.89 -13.47 33.54
CA ASP B 123 10.11 -12.29 33.85
C ASP B 123 8.92 -12.08 32.91
N VAL B 124 9.11 -12.42 31.64
CA VAL B 124 8.04 -12.32 30.67
C VAL B 124 6.93 -13.30 31.03
N LYS B 125 7.26 -14.56 31.27
CA LYS B 125 6.24 -15.56 31.62
C LYS B 125 5.47 -15.13 32.88
N ALA B 126 6.20 -14.65 33.90
CA ALA B 126 5.55 -14.26 35.15
C ALA B 126 4.57 -13.11 34.90
N THR B 127 5.00 -12.16 34.09
CA THR B 127 4.17 -11.00 33.84
C THR B 127 2.96 -11.33 32.95
N VAL B 128 3.15 -12.20 31.96
CA VAL B 128 2.02 -12.69 31.16
C VAL B 128 0.98 -13.36 32.06
N ASP B 129 1.45 -14.23 32.95
CA ASP B 129 0.54 -14.93 33.85
C ASP B 129 -0.21 -13.94 34.74
N TYR B 130 0.49 -12.94 35.23
CA TYR B 130 -0.14 -11.93 36.08
C TYR B 130 -1.21 -11.14 35.30
N ALA B 131 -0.87 -10.72 34.08
CA ALA B 131 -1.83 -10.05 33.22
C ALA B 131 -3.08 -10.91 33.06
N HIS B 132 -2.89 -12.17 32.68
CA HIS B 132 -4.03 -13.04 32.45
C HIS B 132 -4.87 -13.30 33.71
N ALA B 133 -4.22 -13.36 34.87
CA ALA B 133 -4.92 -13.55 36.13
C ALA B 133 -5.85 -12.36 36.43
N HIS B 134 -5.57 -11.20 35.86
CA HIS B 134 -6.34 -9.97 36.06
C HIS B 134 -7.08 -9.49 34.83
N ASN B 135 -7.30 -10.40 33.87
CA ASN B 135 -8.10 -10.08 32.67
CA ASN B 135 -8.06 -10.12 32.65
C ASN B 135 -7.50 -8.92 31.88
N VAL B 136 -6.17 -8.89 31.76
CA VAL B 136 -5.46 -7.94 30.90
C VAL B 136 -4.77 -8.69 29.78
N TYR B 137 -4.91 -8.16 28.56
CA TYR B 137 -4.26 -8.75 27.39
C TYR B 137 -2.84 -8.20 27.24
N VAL B 138 -1.98 -9.04 26.69
CA VAL B 138 -0.59 -8.72 26.49
C VAL B 138 -0.27 -8.58 24.99
N VAL B 139 0.15 -7.38 24.61
CA VAL B 139 0.81 -7.13 23.34
C VAL B 139 2.29 -7.36 23.62
N MET B 140 2.83 -8.48 23.16
CA MET B 140 4.24 -8.77 23.39
C MET B 140 5.01 -8.19 22.23
N SER B 141 6.12 -7.50 22.49
CA SER B 141 6.70 -6.64 21.47
C SER B 141 8.20 -6.76 21.29
N ASN B 142 8.65 -6.35 20.11
CA ASN B 142 10.07 -6.33 19.79
C ASN B 142 10.27 -5.24 18.77
N HIS B 143 11.41 -4.55 18.88
CA HIS B 143 11.73 -3.40 18.04
C HIS B 143 13.16 -3.46 17.63
N ASP B 144 13.41 -3.16 16.36
CA ASP B 144 14.76 -2.92 15.87
C ASP B 144 14.74 -1.56 15.20
N PHE B 145 15.29 -0.56 15.86
CA PHE B 145 15.35 0.79 15.34
C PHE B 145 16.55 1.07 14.43
N HIS B 146 17.40 0.06 14.24
CA HIS B 146 18.58 0.21 13.39
C HIS B 146 18.46 -0.40 12.01
N GLN B 147 17.80 -1.55 11.92
CA GLN B 147 17.81 -2.32 10.69
C GLN B 147 16.65 -3.28 10.67
N THR B 148 16.54 -4.04 9.58
CA THR B 148 15.50 -5.04 9.42
C THR B 148 16.12 -6.42 9.47
N PRO B 149 15.75 -7.25 10.47
CA PRO B 149 16.24 -8.61 10.47
C PRO B 149 15.69 -9.38 9.27
N SER B 150 16.22 -10.57 9.01
CA SER B 150 15.68 -11.41 7.96
C SER B 150 14.20 -11.74 8.26
N ALA B 151 13.44 -12.06 7.21
CA ALA B 151 12.05 -12.47 7.42
C ALA B 151 11.97 -13.67 8.37
N GLU B 152 12.93 -14.57 8.22
CA GLU B 152 12.98 -15.78 9.02
C GLU B 152 13.21 -15.44 10.50
N GLU B 153 14.11 -14.52 10.78
CA GLU B 153 14.36 -14.10 12.16
C GLU B 153 13.17 -13.37 12.75
N MET B 154 12.49 -12.56 11.96
CA MET B 154 11.27 -11.89 12.44
C MET B 154 10.16 -12.87 12.76
N VAL B 155 9.95 -13.85 11.88
CA VAL B 155 8.96 -14.89 12.13
C VAL B 155 9.30 -15.69 13.39
N LEU B 156 10.57 -16.03 13.57
CA LEU B 156 11.02 -16.74 14.78
C LEU B 156 10.63 -15.96 16.04
N ARG B 157 10.87 -14.66 16.05
CA ARG B 157 10.52 -13.83 17.21
C ARG B 157 9.03 -13.83 17.48
N LEU B 158 8.25 -13.66 16.42
CA LEU B 158 6.80 -13.66 16.58
C LEU B 158 6.28 -15.00 17.11
N ARG B 159 6.86 -16.09 16.62
CA ARG B 159 6.49 -17.42 17.11
C ARG B 159 6.92 -17.62 18.58
N LYS B 160 8.07 -17.06 18.96
CA LYS B 160 8.52 -17.11 20.36
C LYS B 160 7.52 -16.39 21.27
N MET B 161 7.01 -15.25 20.79
CA MET B 161 6.01 -14.52 21.56
C MET B 161 4.73 -15.33 21.76
N GLN B 162 4.29 -16.00 20.69
CA GLN B 162 3.20 -16.96 20.79
C GLN B 162 3.45 -18.04 21.83
N ALA B 163 4.65 -18.62 21.79
CA ALA B 163 5.02 -19.68 22.72
C ALA B 163 5.00 -19.20 24.18
N LEU B 164 5.34 -17.94 24.41
CA LEU B 164 5.32 -17.32 25.75
C LEU B 164 3.95 -16.81 26.20
N GLY B 165 2.91 -16.99 25.38
CA GLY B 165 1.55 -16.66 25.79
C GLY B 165 1.05 -15.28 25.39
N ALA B 166 1.79 -14.57 24.54
CA ALA B 166 1.32 -13.27 24.04
C ALA B 166 -0.10 -13.38 23.49
N ASP B 167 -0.96 -12.43 23.81
CA ASP B 167 -2.25 -12.35 23.11
C ASP B 167 -2.06 -11.83 21.69
N ILE B 168 -1.19 -10.85 21.53
CA ILE B 168 -0.90 -10.22 20.24
C ILE B 168 0.61 -9.97 20.12
N PRO B 169 1.34 -10.83 19.42
CA PRO B 169 2.72 -10.51 19.04
C PRO B 169 2.84 -9.26 18.20
N LYS B 170 3.89 -8.48 18.42
CA LYS B 170 4.12 -7.27 17.66
CA LYS B 170 4.13 -7.26 17.66
C LYS B 170 5.60 -7.07 17.37
N ILE B 171 5.93 -6.71 16.13
CA ILE B 171 7.30 -6.35 15.78
C ILE B 171 7.34 -5.08 14.90
N ALA B 172 8.24 -4.18 15.25
CA ALA B 172 8.50 -2.97 14.48
C ALA B 172 9.97 -2.94 14.12
N VAL B 173 10.28 -2.73 12.84
CA VAL B 173 11.66 -2.76 12.34
C VAL B 173 11.95 -1.57 11.44
N MET B 174 13.21 -1.20 11.33
CA MET B 174 13.65 -0.03 10.60
C MET B 174 14.22 -0.41 9.24
N PRO B 175 13.59 0.05 8.14
CA PRO B 175 14.14 -0.29 6.82
C PRO B 175 15.37 0.57 6.52
N GLN B 176 16.36 -0.05 5.90
CA GLN B 176 17.50 0.68 5.31
C GLN B 176 17.37 0.79 3.78
N SER B 177 16.29 0.21 3.23
CA SER B 177 16.05 0.19 1.80
C SER B 177 14.59 -0.15 1.58
N LYS B 178 14.12 0.05 0.37
CA LYS B 178 12.78 -0.34 0.00
C LYS B 178 12.64 -1.86 0.04
N HIS B 179 13.71 -2.57 -0.31
CA HIS B 179 13.73 -4.02 -0.22
C HIS B 179 13.36 -4.51 1.22
N ASP B 180 13.91 -3.84 2.22
CA ASP B 180 13.64 -4.18 3.61
C ASP B 180 12.16 -4.06 3.96
N VAL B 181 11.42 -3.17 3.29
CA VAL B 181 9.99 -3.05 3.51
C VAL B 181 9.28 -4.30 3.02
N LEU B 182 9.69 -4.79 1.83
CA LEU B 182 9.13 -6.05 1.31
C LEU B 182 9.46 -7.24 2.23
N THR B 183 10.65 -7.25 2.82
CA THR B 183 11.01 -8.30 3.78
C THR B 183 10.02 -8.34 4.97
N LEU B 184 9.70 -7.17 5.51
CA LEU B 184 8.73 -7.09 6.57
C LEU B 184 7.33 -7.57 6.14
N LEU B 185 6.88 -7.15 4.95
CA LEU B 185 5.62 -7.64 4.43
C LEU B 185 5.64 -9.16 4.24
N THR B 186 6.76 -9.69 3.76
CA THR B 186 6.91 -11.13 3.56
C THR B 186 6.77 -11.91 4.88
N ALA B 187 7.45 -11.41 5.92
CA ALA B 187 7.35 -12.02 7.24
C ALA B 187 5.93 -11.99 7.77
N THR B 188 5.26 -10.86 7.56
CA THR B 188 3.88 -10.70 8.01
C THR B 188 2.98 -11.75 7.36
N LEU B 189 3.12 -11.88 6.05
CA LEU B 189 2.31 -12.83 5.29
C LEU B 189 2.62 -14.26 5.71
N GLU B 190 3.88 -14.57 5.93
CA GLU B 190 4.26 -15.92 6.40
C GLU B 190 3.57 -16.28 7.72
N MET B 191 3.54 -15.31 8.63
CA MET B 191 2.76 -15.51 9.87
C MET B 191 1.29 -15.76 9.57
N GLN B 192 0.72 -14.93 8.71
CA GLN B 192 -0.69 -15.03 8.34
C GLN B 192 -1.06 -16.39 7.76
N GLN B 193 -0.20 -16.91 6.88
CA GLN B 193 -0.51 -18.12 6.13
C GLN B 193 -0.16 -19.37 6.90
N HIS B 194 0.88 -19.33 7.73
CA HIS B 194 1.42 -20.57 8.32
C HIS B 194 1.42 -20.68 9.83
N TYR B 195 1.37 -19.56 10.55
CA TYR B 195 1.53 -19.55 12.04
C TYR B 195 0.44 -18.58 12.57
N ALA B 196 -0.80 -18.93 12.25
CA ALA B 196 -1.91 -17.99 12.26
C ALA B 196 -2.82 -18.14 13.49
N ASP B 197 -2.24 -18.42 14.67
CA ASP B 197 -3.07 -18.79 15.77
C ASP B 197 -3.55 -17.65 16.64
N ARG B 198 -3.09 -16.42 16.37
CA ARG B 198 -3.61 -15.24 17.04
C ARG B 198 -3.20 -14.01 16.22
N PRO B 199 -3.75 -12.82 16.54
CA PRO B 199 -3.45 -11.66 15.72
C PRO B 199 -2.00 -11.24 15.92
N VAL B 200 -1.38 -10.71 14.87
CA VAL B 200 -0.04 -10.13 14.95
C VAL B 200 -0.07 -8.71 14.41
N ILE B 201 0.79 -7.86 14.96
CA ILE B 201 0.94 -6.49 14.52
C ILE B 201 2.36 -6.35 13.99
N THR B 202 2.52 -5.79 12.79
CA THR B 202 3.85 -5.56 12.25
C THR B 202 3.93 -4.21 11.58
N MET B 203 5.13 -3.66 11.54
CA MET B 203 5.36 -2.43 10.81
CA MET B 203 5.36 -2.43 10.79
C MET B 203 6.83 -2.27 10.46
N SER B 204 7.05 -1.65 9.29
CA SER B 204 8.33 -1.18 8.87
C SER B 204 8.23 0.31 9.11
N MET B 205 9.17 0.86 9.88
CA MET B 205 9.10 2.25 10.29
C MET B 205 9.66 3.19 9.23
N ALA B 206 9.57 4.48 9.49
CA ALA B 206 10.15 5.56 8.68
C ALA B 206 9.40 5.78 7.38
N LYS B 207 9.83 6.78 6.61
CA LYS B 207 9.13 7.14 5.38
C LYS B 207 9.02 5.94 4.43
N GLU B 208 10.13 5.23 4.22
CA GLU B 208 10.12 4.11 3.27
C GLU B 208 9.16 3.03 3.68
N GLY B 209 8.95 2.87 4.98
CA GLY B 209 8.06 1.83 5.47
C GLY B 209 6.58 2.19 5.54
N VAL B 210 6.19 3.41 5.18
CA VAL B 210 4.82 3.86 5.38
CA VAL B 210 4.80 3.83 5.42
C VAL B 210 3.80 2.87 4.78
N ILE B 211 4.09 2.33 3.59
CA ILE B 211 3.14 1.41 2.97
C ILE B 211 2.78 0.23 3.88
N SER B 212 3.71 -0.20 4.73
CA SER B 212 3.43 -1.30 5.67
C SER B 212 2.41 -0.95 6.72
N ARG B 213 2.25 0.35 7.00
CA ARG B 213 1.24 0.86 7.94
C ARG B 213 -0.14 0.93 7.28
N LEU B 214 -0.18 0.83 5.93
CA LEU B 214 -1.43 0.97 5.16
C LEU B 214 -1.97 -0.37 4.69
N ALA B 215 -1.08 -1.34 4.51
CA ALA B 215 -1.37 -2.62 3.86
C ALA B 215 -1.65 -3.80 4.80
N GLY B 216 -1.99 -3.50 6.05
CA GLY B 216 -2.20 -4.56 7.04
C GLY B 216 -3.30 -5.54 6.70
N GLU B 217 -4.37 -5.07 6.06
CA GLU B 217 -5.49 -5.96 5.76
C GLU B 217 -5.07 -7.02 4.75
N VAL B 218 -4.17 -6.68 3.83
CA VAL B 218 -3.78 -7.58 2.75
C VAL B 218 -2.81 -8.64 3.31
N PHE B 219 -1.77 -8.22 4.02
CA PHE B 219 -0.72 -9.16 4.37
C PHE B 219 -0.81 -9.71 5.80
N GLY B 220 -1.68 -9.15 6.62
CA GLY B 220 -1.97 -9.77 7.91
C GLY B 220 -1.51 -9.08 9.18
N SER B 221 -1.40 -7.75 9.17
CA SER B 221 -1.15 -6.98 10.38
C SER B 221 -2.49 -6.49 10.96
N ALA B 222 -2.74 -6.81 12.23
CA ALA B 222 -4.06 -6.59 12.85
C ALA B 222 -4.25 -5.17 13.35
N ALA B 223 -3.19 -4.37 13.40
CA ALA B 223 -3.27 -3.00 13.87
C ALA B 223 -2.19 -2.15 13.28
N THR B 224 -2.39 -0.84 13.35
CA THR B 224 -1.51 0.12 12.73
C THR B 224 -1.58 1.43 13.49
N PHE B 225 -0.44 2.11 13.63
CA PHE B 225 -0.31 3.36 14.37
C PHE B 225 -0.40 4.60 13.49
N GLY B 226 -1.22 5.57 13.91
CA GLY B 226 -1.27 6.89 13.30
C GLY B 226 -0.93 7.97 14.31
N ALA B 227 -0.80 9.20 13.85
CA ALA B 227 -0.41 10.32 14.68
C ALA B 227 -1.56 11.28 14.81
N VAL B 228 -1.85 11.73 16.04
CA VAL B 228 -2.86 12.73 16.24
C VAL B 228 -2.26 14.08 15.87
N LYS B 229 -1.20 14.49 16.55
CA LYS B 229 -0.46 15.74 16.23
C LYS B 229 1.05 15.52 16.13
N GLN B 230 1.61 14.70 17.01
CA GLN B 230 3.00 14.32 17.01
C GLN B 230 3.07 12.81 16.86
N ALA B 231 3.95 12.32 15.98
CA ALA B 231 4.18 10.90 15.85
C ALA B 231 4.93 10.34 17.06
N SER B 232 4.61 9.09 17.40
CA SER B 232 5.35 8.34 18.41
C SER B 232 6.45 7.46 17.81
N ALA B 233 6.49 7.39 16.48
CA ALA B 233 7.59 6.73 15.77
C ALA B 233 7.66 7.25 14.36
N PRO B 234 8.87 7.21 13.73
CA PRO B 234 8.99 7.65 12.37
C PRO B 234 8.06 6.87 11.42
N GLY B 235 7.40 7.60 10.50
CA GLY B 235 6.59 6.98 9.47
C GLY B 235 5.10 6.99 9.72
N GLN B 236 4.70 7.24 10.96
CA GLN B 236 3.28 7.41 11.25
C GLN B 236 2.77 8.65 10.53
N ILE B 237 1.61 8.52 9.92
CA ILE B 237 0.96 9.63 9.24
C ILE B 237 -0.25 10.09 10.03
N ALA B 238 -0.80 11.22 9.63
CA ALA B 238 -1.97 11.79 10.29
C ALA B 238 -3.08 10.74 10.36
N VAL B 239 -3.66 10.58 11.54
CA VAL B 239 -4.57 9.49 11.80
C VAL B 239 -5.80 9.50 10.87
N ASN B 240 -6.32 10.68 10.50
CA ASN B 240 -7.47 10.71 9.61
C ASN B 240 -7.10 10.22 8.19
N ASP B 241 -5.89 10.54 7.75
CA ASP B 241 -5.40 10.04 6.46
C ASP B 241 -5.16 8.55 6.48
N LEU B 242 -4.60 8.06 7.59
CA LEU B 242 -4.45 6.63 7.78
C LEU B 242 -5.82 5.94 7.63
N ARG B 243 -6.80 6.46 8.36
CA ARG B 243 -8.15 5.86 8.33
C ARG B 243 -8.75 5.88 6.91
N SER B 244 -8.58 6.98 6.19
CA SER B 244 -9.08 7.09 4.82
C SER B 244 -8.52 6.00 3.93
N VAL B 245 -7.22 5.75 4.04
CA VAL B 245 -6.57 4.74 3.23
C VAL B 245 -7.03 3.34 3.62
N LEU B 246 -7.10 3.06 4.93
CA LEU B 246 -7.58 1.75 5.39
C LEU B 246 -8.98 1.46 4.86
N MET B 247 -9.85 2.47 4.88
CA MET B 247 -11.23 2.30 4.40
CA MET B 247 -11.23 2.33 4.39
C MET B 247 -11.27 2.02 2.90
N ILE B 248 -10.49 2.75 2.14
CA ILE B 248 -10.42 2.53 0.68
C ILE B 248 -9.91 1.12 0.38
N LEU B 249 -8.83 0.69 1.04
CA LEU B 249 -8.34 -0.67 0.83
C LEU B 249 -9.36 -1.74 1.23
N HIS B 250 -10.08 -1.51 2.33
CA HIS B 250 -11.02 -2.50 2.85
C HIS B 250 -12.20 -2.70 1.88
N ASN B 251 -12.63 -1.61 1.26
CA ASN B 251 -13.79 -1.60 0.39
C ASN B 251 -13.46 -1.79 -1.09
N ALA B 252 -12.19 -1.88 -1.45
CA ALA B 252 -11.78 -2.04 -2.85
C ALA B 252 -12.33 -3.30 -3.48
CAX WPL C . -3.53 -2.36 -19.13
CAP WPL C . -3.68 -2.49 -17.62
CBA WPL C . -5.00 -3.02 -17.15
CAU WPL C . -5.03 -2.96 -15.65
OAF WPL C . -4.80 -4.05 -15.02
OAD WPL C . -5.27 -1.85 -15.07
OAI WPL C . -5.07 -4.37 -17.62
CAO WPL C . -6.14 -2.21 -17.79
CAW WPL C . -6.02 -2.14 -19.32
OAG WPL C . -7.06 -1.27 -19.84
CAY WPL C . -4.68 -1.58 -19.77
OAH WPL C . -4.57 -1.65 -21.18
CAJ WPL C . -2.27 -1.57 -19.52
CAX WPL D . 5.18 0.51 18.94
CAP WPL D . 5.09 0.82 17.44
CBA WPL D . 5.70 2.19 17.11
CAU WPL D . 5.48 2.46 15.63
OAF WPL D . 4.33 2.84 15.25
OAD WPL D . 6.44 2.26 14.84
OAI WPL D . 7.12 2.08 17.35
CAO WPL D . 5.09 3.29 17.98
CAW WPL D . 5.20 3.01 19.47
OAG WPL D . 4.53 4.03 20.23
CAY WPL D . 4.59 1.64 19.79
OAH WPL D . 4.78 1.33 21.18
CAJ WPL D . 4.33 -0.72 19.20
#